data_8CB9
#
_entry.id   8CB9
#
_cell.length_a   42.922
_cell.length_b   59.183
_cell.length_c   183.329
_cell.angle_alpha   90.00
_cell.angle_beta   90.00
_cell.angle_gamma   90.00
#
_symmetry.space_group_name_H-M   'P 21 21 21'
#
loop_
_entity.id
_entity.type
_entity.pdbx_description
1 polymer 'Agrocinopine utilization periplasmic binding protein AccA'
2 non-polymer 2-O-phosphono-beta-D-glucopyranose
3 non-polymer 2-O-phosphono-alpha-D-glucopyranose
4 water water
#
_entity_poly.entity_id   1
_entity_poly.type   'polypeptide(L)'
_entity_poly.pdbx_seq_one_letter_code
;DRRALRIGVNGLPPSLEPINGISNTGPRIINQIFDALIRRDYFADGAKGNNIKLVPALAESFERIDDKSIRFKLRQGVKF
HNGAEMTAEDVAFTFSSERLWGDEAIKTVPNGRNFSPNWDEPVVEDKYTVVLRTKTPSYLIEKYLGSWLGPIVPKEYYKS
LGAVAFGNKPIGTGPYKFRELVANDHVTLEANDGYWGDKPTASTITYQVVAEPATRVAGLISGEYDIITTLTPDDMALVD
GYSDLETRGTLIENLHMFTFNMNQPIFQNKTLRRALALAVNRPLIVEALWKNKASIPNGFNFPHYGATYDPKRKPMEFNL
KEAKRLVKESGYDGTPITYHTMGNYYANAVPALMMMIEMWKAAGITVVPKIFAPGTTPKDSDILIRNWSNGQWLTDGLTT
MVSEFGPGRGVQKRWGWKAPAEFNNLCDQVAQLKDGEERSAAFNRLRDIFEDEAPAVLMYQPYDVYAARKDVQWSPVSFE
TMEFRGNLNFK
;
_entity_poly.pdbx_strand_id   A
#
loop_
_chem_comp.id
_chem_comp.type
_chem_comp.name
_chem_comp.formula
ALX D-saccharide, alpha linking 2-O-phosphono-alpha-D-glucopyranose 'C6 H13 O9 P'
BNX D-saccharide, beta linking 2-O-phosphono-beta-D-glucopyranose 'C6 H13 O9 P'
#
# COMPACT_ATOMS: atom_id res chain seq x y z
N ASP A 1 -20.74 -8.21 -26.26
CA ASP A 1 -21.29 -9.24 -25.37
C ASP A 1 -20.92 -8.96 -23.88
N ARG A 2 -19.62 -9.00 -23.49
CA ARG A 2 -19.24 -8.72 -22.09
C ARG A 2 -19.46 -7.24 -21.77
N ARG A 3 -19.91 -6.95 -20.56
CA ARG A 3 -20.15 -5.57 -20.16
C ARG A 3 -18.84 -4.81 -19.91
N ALA A 4 -18.85 -3.50 -20.15
CA ALA A 4 -17.70 -2.64 -19.89
C ALA A 4 -17.79 -2.24 -18.44
N LEU A 5 -16.71 -2.46 -17.65
CA LEU A 5 -16.69 -2.09 -16.24
C LEU A 5 -16.12 -0.69 -16.12
N ARG A 6 -16.78 0.17 -15.34
CA ARG A 6 -16.38 1.56 -15.14
C ARG A 6 -16.18 1.77 -13.66
N ILE A 7 -14.99 2.23 -13.26
CA ILE A 7 -14.66 2.44 -11.86
C ILE A 7 -14.31 3.90 -11.65
N GLY A 8 -14.99 4.54 -10.71
CA GLY A 8 -14.69 5.90 -10.29
C GLY A 8 -13.69 5.83 -9.17
N VAL A 9 -12.51 6.43 -9.37
CA VAL A 9 -11.40 6.32 -8.42
C VAL A 9 -10.96 7.65 -7.83
N ASN A 10 -10.33 7.58 -6.64
CA ASN A 10 -9.76 8.75 -5.96
C ASN A 10 -8.54 9.34 -6.69
N GLY A 11 -7.85 8.54 -7.48
CA GLY A 11 -6.70 9.00 -8.23
C GLY A 11 -6.04 7.88 -9.01
N LEU A 12 -5.06 8.24 -9.86
CA LEU A 12 -4.26 7.29 -10.62
C LEU A 12 -2.84 7.32 -10.07
N PRO A 13 -2.07 6.20 -10.18
CA PRO A 13 -0.68 6.26 -9.73
C PRO A 13 0.20 7.14 -10.64
N PRO A 14 1.39 7.60 -10.20
CA PRO A 14 2.25 8.36 -11.13
C PRO A 14 2.69 7.53 -12.32
N SER A 15 2.84 6.21 -12.11
CA SER A 15 3.25 5.28 -13.16
C SER A 15 2.51 3.94 -13.05
N LEU A 16 2.46 3.20 -14.15
CA LEU A 16 1.94 1.83 -14.17
C LEU A 16 3.07 0.77 -14.18
N GLU A 17 4.34 1.21 -14.00
CA GLU A 17 5.48 0.34 -13.79
C GLU A 17 5.19 -0.25 -12.37
N PRO A 18 5.21 -1.58 -12.21
CA PRO A 18 4.75 -2.16 -10.92
C PRO A 18 5.29 -1.57 -9.61
N ILE A 19 6.57 -1.16 -9.57
CA ILE A 19 7.19 -0.63 -8.34
C ILE A 19 6.86 0.85 -8.18
N ASN A 20 7.04 1.65 -9.23
CA ASN A 20 6.72 3.07 -9.18
C ASN A 20 5.25 3.32 -8.89
N GLY A 21 4.37 2.39 -9.27
CA GLY A 21 2.94 2.49 -9.04
C GLY A 21 2.49 2.09 -7.66
N ILE A 22 3.41 1.66 -6.77
CA ILE A 22 3.05 1.25 -5.41
C ILE A 22 2.47 2.47 -4.67
N SER A 23 1.19 2.35 -4.31
CA SER A 23 0.38 3.41 -3.68
C SER A 23 -1.05 2.86 -3.47
N ASN A 24 -1.94 3.62 -2.85
CA ASN A 24 -3.34 3.23 -2.72
C ASN A 24 -4.06 3.11 -4.07
N THR A 25 -3.54 3.79 -5.12
CA THR A 25 -4.17 3.84 -6.44
C THR A 25 -3.62 2.89 -7.53
N GLY A 26 -2.36 2.49 -7.44
CA GLY A 26 -1.75 1.65 -8.48
C GLY A 26 -2.12 0.19 -8.54
N PRO A 27 -2.00 -0.56 -7.42
CA PRO A 27 -2.32 -2.00 -7.45
C PRO A 27 -3.65 -2.39 -8.10
N ARG A 28 -4.72 -1.62 -7.87
CA ARG A 28 -6.02 -1.92 -8.50
C ARG A 28 -6.01 -1.90 -10.03
N ILE A 29 -4.97 -1.31 -10.66
CA ILE A 29 -4.77 -1.33 -12.12
C ILE A 29 -3.64 -2.34 -12.46
N ILE A 30 -2.52 -2.29 -11.73
CA ILE A 30 -1.34 -3.14 -11.96
C ILE A 30 -1.67 -4.61 -11.84
N ASN A 31 -2.52 -4.97 -10.85
CA ASN A 31 -2.95 -6.35 -10.62
C ASN A 31 -3.64 -6.95 -11.86
N GLN A 32 -4.22 -6.11 -12.71
CA GLN A 32 -4.90 -6.55 -13.92
C GLN A 32 -3.93 -6.72 -15.10
N ILE A 33 -2.91 -5.85 -15.21
CA ILE A 33 -1.97 -5.89 -16.34
C ILE A 33 -0.90 -6.98 -16.13
N PHE A 34 -0.53 -7.26 -14.88
CA PHE A 34 0.57 -8.17 -14.59
C PHE A 34 0.19 -9.36 -13.71
N ASP A 35 1.06 -10.36 -13.72
CA ASP A 35 1.00 -11.47 -12.81
C ASP A 35 2.38 -11.55 -12.16
N ALA A 36 2.42 -12.13 -10.98
CA ALA A 36 3.65 -12.41 -10.27
C ALA A 36 3.91 -13.95 -10.38
N LEU A 37 5.05 -14.42 -9.83
CA LEU A 37 5.39 -15.86 -9.80
C LEU A 37 4.42 -16.64 -8.87
N ILE A 38 3.94 -15.96 -7.80
CA ILE A 38 3.08 -16.43 -6.72
C ILE A 38 1.94 -15.40 -6.55
N ARG A 39 0.72 -15.87 -6.31
CA ARG A 39 -0.43 -15.02 -6.10
C ARG A 39 -1.04 -15.30 -4.72
N ARG A 40 -1.44 -14.22 -4.01
CA ARG A 40 -2.15 -14.35 -2.76
C ARG A 40 -3.59 -14.66 -3.15
N ASP A 41 -4.08 -15.84 -2.77
CA ASP A 41 -5.42 -16.29 -3.11
C ASP A 41 -6.37 -15.86 -2.00
N TYR A 42 -6.77 -14.59 -2.02
CA TYR A 42 -7.63 -14.00 -0.99
C TYR A 42 -8.90 -14.79 -0.67
N PHE A 43 -9.55 -15.39 -1.68
CA PHE A 43 -10.80 -16.12 -1.50
C PHE A 43 -10.65 -17.64 -1.33
N ALA A 44 -9.44 -18.17 -1.19
CA ALA A 44 -9.24 -19.61 -1.01
C ALA A 44 -9.90 -20.19 0.24
N ASP A 45 -10.37 -21.43 0.15
CA ASP A 45 -10.98 -22.22 1.23
C ASP A 45 -12.05 -21.47 2.01
N GLY A 46 -12.95 -20.80 1.29
CA GLY A 46 -14.08 -20.07 1.88
C GLY A 46 -13.78 -18.75 2.55
N ALA A 47 -12.60 -18.14 2.30
CA ALA A 47 -12.26 -16.86 2.92
C ALA A 47 -12.99 -15.73 2.24
N LYS A 48 -13.27 -14.65 2.98
CA LYS A 48 -14.01 -13.52 2.45
C LYS A 48 -13.08 -12.37 2.07
N GLY A 49 -12.07 -12.69 1.27
CA GLY A 49 -11.11 -11.74 0.75
C GLY A 49 -9.90 -11.47 1.61
N ASN A 50 -9.72 -12.23 2.71
CA ASN A 50 -8.61 -11.99 3.64
C ASN A 50 -7.59 -13.11 3.76
N ASN A 51 -7.75 -14.23 3.03
CA ASN A 51 -6.80 -15.34 3.15
C ASN A 51 -5.40 -14.91 2.74
N ILE A 52 -4.40 -15.31 3.55
CA ILE A 52 -2.97 -15.07 3.31
C ILE A 52 -2.34 -16.10 2.36
N LYS A 53 -3.06 -17.21 2.07
CA LYS A 53 -2.55 -18.32 1.26
C LYS A 53 -1.89 -17.88 -0.04
N LEU A 54 -0.62 -18.25 -0.20
CA LEU A 54 0.12 -17.95 -1.42
C LEU A 54 0.14 -19.19 -2.27
N VAL A 55 -0.20 -19.05 -3.56
CA VAL A 55 -0.31 -20.18 -4.48
C VAL A 55 0.54 -19.91 -5.78
N PRO A 56 1.06 -20.95 -6.47
CA PRO A 56 1.81 -20.66 -7.72
C PRO A 56 0.96 -19.96 -8.78
N ALA A 57 1.55 -18.99 -9.49
CA ALA A 57 0.88 -18.23 -10.53
C ALA A 57 1.78 -18.36 -11.81
N LEU A 58 2.69 -17.41 -12.23
CA LEU A 58 3.55 -17.65 -13.37
C LEU A 58 4.55 -18.77 -13.12
N ALA A 59 4.80 -19.12 -11.85
CA ALA A 59 5.64 -20.23 -11.54
C ALA A 59 4.71 -21.44 -11.48
N GLU A 60 5.01 -22.47 -12.27
CA GLU A 60 4.31 -23.76 -12.23
C GLU A 60 4.53 -24.38 -10.82
N SER A 61 5.78 -24.32 -10.34
CA SER A 61 6.17 -24.81 -9.02
C SER A 61 7.47 -24.16 -8.56
N PHE A 62 7.75 -24.25 -7.28
CA PHE A 62 8.99 -23.73 -6.72
C PHE A 62 9.44 -24.54 -5.55
N GLU A 63 10.74 -24.50 -5.29
CA GLU A 63 11.34 -25.17 -4.14
C GLU A 63 12.39 -24.28 -3.53
N ARG A 64 12.31 -24.05 -2.23
CA ARG A 64 13.36 -23.35 -1.49
C ARG A 64 14.54 -24.33 -1.40
N ILE A 65 15.74 -23.92 -1.85
CA ILE A 65 16.89 -24.81 -1.96
C ILE A 65 17.93 -24.59 -0.81
N ASP A 66 17.88 -23.43 -0.14
CA ASP A 66 18.68 -23.11 1.05
C ASP A 66 18.05 -21.90 1.80
N ASP A 67 18.63 -21.42 2.92
CA ASP A 67 18.01 -20.29 3.64
C ASP A 67 18.13 -18.95 2.89
N LYS A 68 18.70 -18.91 1.66
CA LYS A 68 18.69 -17.66 0.89
C LYS A 68 18.29 -17.85 -0.59
N SER A 69 17.80 -19.02 -1.02
CA SER A 69 17.55 -19.27 -2.43
C SER A 69 16.30 -20.12 -2.69
N ILE A 70 15.57 -19.73 -3.77
CA ILE A 70 14.40 -20.46 -4.25
C ILE A 70 14.54 -20.68 -5.75
N ARG A 71 14.36 -21.94 -6.19
CA ARG A 71 14.36 -22.33 -7.59
C ARG A 71 12.90 -22.30 -8.08
N PHE A 72 12.62 -21.55 -9.13
CA PHE A 72 11.30 -21.46 -9.73
C PHE A 72 11.29 -22.16 -11.07
N LYS A 73 10.29 -23.04 -11.29
CA LYS A 73 10.04 -23.71 -12.56
C LYS A 73 8.83 -22.99 -13.15
N LEU A 74 9.04 -22.31 -14.28
CA LEU A 74 8.04 -21.43 -14.85
C LEU A 74 7.06 -22.10 -15.75
N ARG A 75 5.85 -21.49 -15.86
CA ARG A 75 4.85 -21.96 -16.82
C ARG A 75 5.40 -21.68 -18.22
N GLN A 76 5.20 -22.62 -19.13
CA GLN A 76 5.75 -22.54 -20.48
C GLN A 76 4.67 -22.11 -21.46
N GLY A 77 5.06 -21.26 -22.40
CA GLY A 77 4.19 -20.76 -23.44
C GLY A 77 3.34 -19.57 -23.06
N VAL A 78 3.50 -19.03 -21.83
CA VAL A 78 2.74 -17.86 -21.42
C VAL A 78 3.29 -16.66 -22.19
N LYS A 79 2.40 -15.83 -22.74
CA LYS A 79 2.80 -14.67 -23.51
C LYS A 79 2.48 -13.34 -22.83
N PHE A 80 3.39 -12.38 -23.03
CA PHE A 80 3.15 -11.01 -22.68
C PHE A 80 2.16 -10.45 -23.73
N HIS A 81 1.56 -9.31 -23.43
CA HIS A 81 0.56 -8.68 -24.30
C HIS A 81 1.09 -8.24 -25.69
N ASN A 82 2.42 -8.22 -25.89
CA ASN A 82 3.03 -7.88 -27.19
C ASN A 82 3.45 -9.13 -27.98
N GLY A 83 3.12 -10.33 -27.52
CA GLY A 83 3.45 -11.56 -28.22
C GLY A 83 4.70 -12.26 -27.72
N ALA A 84 5.62 -11.55 -27.03
CA ALA A 84 6.85 -12.16 -26.55
C ALA A 84 6.54 -13.20 -25.46
N GLU A 85 7.32 -14.28 -25.43
CA GLU A 85 7.13 -15.33 -24.45
C GLU A 85 7.79 -14.99 -23.11
N MET A 86 7.09 -15.32 -22.02
CA MET A 86 7.56 -15.12 -20.64
C MET A 86 8.59 -16.25 -20.35
N THR A 87 9.86 -15.90 -20.12
CA THR A 87 10.91 -16.89 -19.85
C THR A 87 11.71 -16.50 -18.57
N ALA A 88 12.66 -17.37 -18.15
CA ALA A 88 13.57 -17.09 -17.04
C ALA A 88 14.30 -15.77 -17.20
N GLU A 89 14.57 -15.30 -18.43
CA GLU A 89 15.29 -14.03 -18.62
C GLU A 89 14.45 -12.83 -18.23
N ASP A 90 13.12 -12.93 -18.34
CA ASP A 90 12.23 -11.85 -17.93
C ASP A 90 12.19 -11.81 -16.41
N VAL A 91 12.03 -13.00 -15.77
CA VAL A 91 12.01 -13.09 -14.31
C VAL A 91 13.35 -12.60 -13.72
N ALA A 92 14.49 -12.98 -14.34
CA ALA A 92 15.80 -12.51 -13.86
C ALA A 92 15.94 -11.00 -13.99
N PHE A 93 15.50 -10.41 -15.12
CA PHE A 93 15.54 -8.96 -15.27
C PHE A 93 14.62 -8.26 -14.23
N THR A 94 13.42 -8.82 -13.97
CA THR A 94 12.50 -8.24 -12.96
C THR A 94 13.15 -8.02 -11.59
N PHE A 95 13.96 -8.97 -11.12
CA PHE A 95 14.62 -8.86 -9.81
C PHE A 95 16.15 -8.63 -9.94
N SER A 96 16.57 -7.98 -11.04
CA SER A 96 17.98 -7.69 -11.29
C SER A 96 18.41 -6.34 -10.68
N SER A 97 19.71 -6.16 -10.51
CA SER A 97 20.25 -4.91 -10.02
C SER A 97 20.03 -3.79 -11.05
N GLU A 98 20.10 -4.10 -12.36
CA GLU A 98 19.84 -3.12 -13.42
C GLU A 98 18.45 -2.52 -13.28
N ARG A 99 17.43 -3.36 -13.11
CA ARG A 99 16.05 -2.90 -13.01
C ARG A 99 15.71 -2.26 -11.64
N LEU A 100 16.17 -2.84 -10.52
CA LEU A 100 15.85 -2.33 -9.18
C LEU A 100 16.61 -1.05 -8.77
N TRP A 101 17.70 -0.68 -9.49
CA TRP A 101 18.46 0.58 -9.27
C TRP A 101 18.11 1.45 -10.48
N GLY A 102 16.85 1.86 -10.56
CA GLY A 102 16.33 2.66 -11.66
C GLY A 102 16.60 4.16 -11.56
N ASP A 103 17.12 4.62 -10.40
CA ASP A 103 17.42 6.04 -10.15
C ASP A 103 16.12 6.84 -10.11
N VAL A 109 12.86 3.91 -11.12
CA VAL A 109 12.48 3.03 -10.01
C VAL A 109 13.31 3.39 -8.76
N PRO A 110 12.98 4.51 -8.05
CA PRO A 110 13.79 4.89 -6.88
C PRO A 110 13.65 3.99 -5.65
N ASN A 111 12.46 3.42 -5.43
CA ASN A 111 12.22 2.60 -4.25
C ASN A 111 12.36 1.08 -4.49
N GLY A 112 12.83 0.65 -5.66
CA GLY A 112 13.06 -0.77 -5.92
C GLY A 112 14.00 -1.40 -4.90
N ARG A 113 15.12 -0.70 -4.65
CA ARG A 113 16.13 -1.08 -3.64
C ARG A 113 15.54 -0.97 -2.20
N ASN A 114 14.84 0.13 -1.89
CA ASN A 114 14.25 0.37 -0.57
C ASN A 114 13.21 -0.67 -0.11
N PHE A 115 12.30 -1.07 -1.00
CA PHE A 115 11.28 -2.08 -0.65
C PHE A 115 11.85 -3.51 -0.73
N SER A 116 12.86 -3.75 -1.59
CA SER A 116 13.40 -5.09 -1.81
C SER A 116 14.29 -5.63 -0.68
N PRO A 117 14.38 -6.97 -0.50
CA PRO A 117 15.40 -7.49 0.42
C PRO A 117 16.80 -7.37 -0.24
N ASN A 118 17.86 -7.82 0.43
CA ASN A 118 19.23 -7.71 -0.09
C ASN A 118 19.44 -8.77 -1.16
N TRP A 119 18.80 -8.59 -2.34
CA TRP A 119 18.88 -9.53 -3.44
C TRP A 119 20.29 -9.69 -3.92
N ASP A 120 20.65 -10.93 -4.19
CA ASP A 120 21.84 -11.28 -4.94
C ASP A 120 21.35 -11.35 -6.41
N GLU A 121 22.25 -11.44 -7.38
CA GLU A 121 21.82 -11.45 -8.79
C GLU A 121 21.08 -12.76 -9.16
N PRO A 122 19.92 -12.74 -9.84
CA PRO A 122 19.26 -14.00 -10.23
C PRO A 122 20.13 -14.91 -11.10
N VAL A 123 19.85 -16.22 -11.08
CA VAL A 123 20.58 -17.18 -11.90
C VAL A 123 19.62 -17.83 -12.86
N VAL A 124 19.84 -17.67 -14.16
CA VAL A 124 19.00 -18.29 -15.17
C VAL A 124 19.66 -19.62 -15.40
N GLU A 125 19.00 -20.69 -14.99
CA GLU A 125 19.57 -22.05 -15.15
C GLU A 125 19.27 -22.60 -16.55
N ASP A 126 18.07 -22.29 -17.08
CA ASP A 126 17.63 -22.63 -18.42
C ASP A 126 16.42 -21.74 -18.78
N LYS A 127 15.84 -21.89 -19.99
CA LYS A 127 14.73 -21.07 -20.48
C LYS A 127 13.58 -20.88 -19.47
N TYR A 128 13.24 -21.92 -18.70
CA TYR A 128 12.09 -21.87 -17.79
C TYR A 128 12.43 -22.17 -16.34
N THR A 129 13.71 -21.99 -15.94
CA THR A 129 14.12 -22.23 -14.55
C THR A 129 15.02 -21.10 -14.13
N VAL A 130 14.70 -20.48 -12.97
CA VAL A 130 15.47 -19.34 -12.46
C VAL A 130 15.59 -19.46 -10.92
N VAL A 131 16.77 -19.15 -10.37
CA VAL A 131 16.97 -19.14 -8.93
C VAL A 131 16.99 -17.68 -8.51
N LEU A 132 16.12 -17.32 -7.56
CA LEU A 132 16.05 -16.01 -6.96
C LEU A 132 16.60 -16.17 -5.56
N ARG A 133 17.49 -15.27 -5.17
CA ARG A 133 18.26 -15.43 -3.96
C ARG A 133 18.71 -14.13 -3.35
N THR A 134 18.93 -14.14 -2.04
CA THR A 134 19.43 -13.00 -1.28
C THR A 134 20.90 -13.26 -0.91
N LYS A 135 21.63 -12.18 -0.63
CA LYS A 135 23.05 -12.26 -0.26
C LYS A 135 23.21 -12.82 1.14
N THR A 136 22.29 -12.49 2.04
CA THR A 136 22.22 -12.97 3.41
C THR A 136 20.94 -13.83 3.60
N PRO A 137 20.84 -14.67 4.67
CA PRO A 137 19.62 -15.48 4.84
C PRO A 137 18.33 -14.67 4.91
N SER A 138 17.31 -15.12 4.19
CA SER A 138 16.02 -14.48 4.18
C SER A 138 14.96 -15.55 4.14
N TYR A 139 14.14 -15.62 5.19
CA TYR A 139 13.01 -16.54 5.25
C TYR A 139 11.72 -15.90 4.68
N LEU A 140 11.81 -14.70 4.11
CA LEU A 140 10.68 -13.97 3.53
C LEU A 140 10.63 -13.95 2.00
N ILE A 141 11.60 -14.56 1.30
CA ILE A 141 11.65 -14.50 -0.18
C ILE A 141 10.30 -14.82 -0.86
N GLU A 142 9.63 -15.88 -0.39
CA GLU A 142 8.34 -16.33 -0.95
C GLU A 142 7.31 -15.20 -0.84
N LYS A 143 7.26 -14.58 0.33
CA LYS A 143 6.31 -13.49 0.61
C LYS A 143 6.60 -12.25 -0.22
N TYR A 144 7.90 -11.95 -0.43
CA TYR A 144 8.29 -10.84 -1.27
C TYR A 144 7.82 -11.07 -2.73
N LEU A 145 7.98 -12.29 -3.26
CA LEU A 145 7.63 -12.60 -4.64
C LEU A 145 6.11 -12.76 -4.88
N GLY A 146 5.33 -12.95 -3.80
CA GLY A 146 3.87 -12.97 -3.85
C GLY A 146 3.26 -11.61 -3.50
N SER A 147 4.07 -10.58 -3.23
CA SER A 147 3.62 -9.22 -2.87
C SER A 147 3.56 -8.27 -4.10
N TRP A 148 3.23 -6.97 -3.88
CA TRP A 148 3.24 -5.98 -4.95
C TRP A 148 4.64 -5.73 -5.57
N LEU A 149 5.72 -6.30 -5.01
CA LEU A 149 7.03 -6.25 -5.65
CA LEU A 149 7.05 -6.24 -5.60
C LEU A 149 7.14 -7.28 -6.76
N GLY A 150 6.37 -8.37 -6.65
CA GLY A 150 6.39 -9.51 -7.57
C GLY A 150 6.04 -9.42 -9.05
N PRO A 151 5.21 -8.48 -9.54
CA PRO A 151 4.88 -8.47 -10.98
C PRO A 151 6.05 -8.67 -11.96
N ILE A 152 5.89 -9.61 -12.91
CA ILE A 152 6.93 -9.92 -13.89
C ILE A 152 6.85 -8.98 -15.12
N VAL A 153 7.98 -8.32 -15.43
CA VAL A 153 8.08 -7.38 -16.55
C VAL A 153 8.84 -8.01 -17.77
N PRO A 154 8.53 -7.58 -19.02
CA PRO A 154 9.30 -8.09 -20.17
C PRO A 154 10.65 -7.42 -20.30
N LYS A 155 11.74 -8.18 -20.19
CA LYS A 155 13.11 -7.65 -20.24
C LYS A 155 13.42 -6.70 -21.42
N GLU A 156 13.24 -7.15 -22.67
CA GLU A 156 13.67 -6.38 -23.83
C GLU A 156 12.85 -5.11 -24.03
N TYR A 157 11.53 -5.23 -24.01
CA TYR A 157 10.63 -4.09 -24.14
C TYR A 157 10.88 -3.05 -23.04
N TYR A 158 11.08 -3.49 -21.79
CA TYR A 158 11.33 -2.58 -20.68
C TYR A 158 12.67 -1.87 -20.86
N LYS A 159 13.72 -2.60 -21.28
CA LYS A 159 15.04 -2.01 -21.51
C LYS A 159 15.04 -0.96 -22.64
N SER A 160 14.30 -1.20 -23.73
CA SER A 160 14.22 -0.25 -24.84
C SER A 160 13.46 1.04 -24.47
N LEU A 161 12.39 0.91 -23.68
CA LEU A 161 11.58 2.08 -23.28
C LEU A 161 12.17 2.83 -22.09
N GLY A 162 12.59 2.10 -21.08
CA GLY A 162 13.03 2.66 -19.82
C GLY A 162 11.88 2.60 -18.82
N ALA A 163 12.19 2.61 -17.52
CA ALA A 163 11.18 2.49 -16.49
C ALA A 163 9.95 3.41 -16.62
N VAL A 164 10.17 4.71 -16.90
CA VAL A 164 9.10 5.71 -16.94
C VAL A 164 8.26 5.60 -18.21
N ALA A 165 8.89 5.45 -19.40
CA ALA A 165 8.14 5.25 -20.63
C ALA A 165 7.38 3.92 -20.57
N PHE A 166 7.96 2.86 -19.93
CA PHE A 166 7.26 1.59 -19.74
C PHE A 166 6.03 1.80 -18.86
N GLY A 167 6.19 2.58 -17.79
CA GLY A 167 5.11 2.93 -16.89
C GLY A 167 3.95 3.68 -17.52
N ASN A 168 4.14 4.21 -18.75
CA ASN A 168 3.08 4.90 -19.48
C ASN A 168 2.43 4.01 -20.54
N LYS A 169 3.16 2.99 -21.06
CA LYS A 169 2.66 2.02 -22.04
C LYS A 169 3.04 0.60 -21.52
N PRO A 170 2.47 0.13 -20.39
CA PRO A 170 2.92 -1.14 -19.81
C PRO A 170 2.48 -2.38 -20.54
N ILE A 171 3.36 -3.40 -20.55
CA ILE A 171 3.12 -4.70 -21.14
C ILE A 171 3.35 -5.74 -20.06
N GLY A 172 2.38 -6.61 -19.87
CA GLY A 172 2.47 -7.68 -18.89
C GLY A 172 1.84 -8.95 -19.42
N THR A 173 1.66 -9.94 -18.57
CA THR A 173 1.01 -11.21 -18.93
C THR A 173 -0.44 -11.32 -18.39
N GLY A 174 -0.92 -10.32 -17.64
CA GLY A 174 -2.19 -10.34 -16.93
C GLY A 174 -3.50 -10.41 -17.71
N PRO A 175 -4.65 -10.51 -16.99
CA PRO A 175 -5.93 -10.70 -17.70
C PRO A 175 -6.47 -9.51 -18.48
N TYR A 176 -5.92 -8.33 -18.32
CA TYR A 176 -6.37 -7.14 -19.03
C TYR A 176 -5.15 -6.41 -19.52
N LYS A 177 -5.15 -6.00 -20.78
CA LYS A 177 -4.01 -5.31 -21.36
C LYS A 177 -4.25 -3.81 -21.42
N PHE A 178 -3.16 -3.04 -21.39
CA PHE A 178 -3.22 -1.59 -21.45
C PHE A 178 -3.73 -1.12 -22.79
N ARG A 179 -4.68 -0.17 -22.81
CA ARG A 179 -5.17 0.43 -24.05
C ARG A 179 -4.72 1.90 -24.09
N GLU A 180 -5.12 2.70 -23.08
CA GLU A 180 -4.77 4.12 -23.06
C GLU A 180 -4.72 4.74 -21.67
N LEU A 181 -3.98 5.84 -21.55
CA LEU A 181 -3.84 6.63 -20.33
C LEU A 181 -3.90 8.11 -20.70
N VAL A 182 -4.68 8.88 -19.96
CA VAL A 182 -4.72 10.33 -20.01
C VAL A 182 -4.39 10.68 -18.58
N ALA A 183 -3.14 11.16 -18.33
CA ALA A 183 -2.62 11.48 -17.00
C ALA A 183 -3.61 12.18 -16.08
N ASN A 184 -3.75 11.70 -14.84
CA ASN A 184 -4.67 12.23 -13.82
C ASN A 184 -6.15 12.23 -14.26
N ASP A 185 -6.50 11.55 -15.35
CA ASP A 185 -7.88 11.51 -15.82
C ASP A 185 -8.38 10.06 -15.84
N HIS A 186 -7.82 9.20 -16.72
CA HIS A 186 -8.30 7.84 -16.82
C HIS A 186 -7.28 6.88 -17.37
N VAL A 187 -7.51 5.60 -17.11
CA VAL A 187 -6.75 4.48 -17.64
C VAL A 187 -7.81 3.54 -18.19
N THR A 188 -7.60 3.02 -19.41
CA THR A 188 -8.51 2.05 -19.97
C THR A 188 -7.75 0.79 -20.32
N LEU A 189 -8.24 -0.35 -19.85
CA LEU A 189 -7.69 -1.66 -20.16
C LEU A 189 -8.73 -2.45 -20.95
N GLU A 190 -8.27 -3.41 -21.74
CA GLU A 190 -9.15 -4.29 -22.52
C GLU A 190 -8.86 -5.75 -22.17
N ALA A 191 -9.84 -6.63 -22.27
CA ALA A 191 -9.67 -8.05 -21.98
C ALA A 191 -8.52 -8.68 -22.76
N ASN A 192 -7.71 -9.51 -22.11
CA ASN A 192 -6.66 -10.26 -22.77
C ASN A 192 -7.24 -11.66 -22.98
N ASP A 193 -7.79 -11.92 -24.17
CA ASP A 193 -8.38 -13.23 -24.46
C ASP A 193 -7.33 -14.37 -24.63
N GLY A 194 -6.04 -14.02 -24.61
CA GLY A 194 -4.95 -14.98 -24.59
C GLY A 194 -4.44 -15.25 -23.18
N TYR A 195 -5.21 -14.85 -22.13
CA TYR A 195 -4.78 -14.98 -20.75
C TYR A 195 -4.62 -16.44 -20.33
N TRP A 196 -3.47 -16.77 -19.74
CA TRP A 196 -3.19 -18.13 -19.30
C TRP A 196 -4.14 -18.63 -18.19
N GLY A 197 -4.73 -17.72 -17.42
CA GLY A 197 -5.65 -18.06 -16.34
C GLY A 197 -7.10 -18.07 -16.78
N ASP A 198 -8.00 -17.74 -15.85
CA ASP A 198 -9.42 -17.70 -16.15
C ASP A 198 -9.74 -16.55 -17.10
N LYS A 199 -10.64 -16.80 -18.04
CA LYS A 199 -11.07 -15.80 -19.02
C LYS A 199 -11.50 -14.48 -18.37
N PRO A 200 -10.99 -13.31 -18.84
CA PRO A 200 -11.48 -12.04 -18.29
C PRO A 200 -12.98 -11.88 -18.57
N THR A 201 -13.74 -11.43 -17.55
CA THR A 201 -15.20 -11.30 -17.62
C THR A 201 -15.69 -9.92 -18.05
N ALA A 202 -14.84 -8.89 -18.07
CA ALA A 202 -15.19 -7.55 -18.54
C ALA A 202 -14.55 -7.35 -19.93
N SER A 203 -15.26 -6.62 -20.83
CA SER A 203 -14.74 -6.34 -22.19
C SER A 203 -13.61 -5.30 -22.03
N THR A 204 -13.86 -4.26 -21.24
CA THR A 204 -12.93 -3.21 -20.90
C THR A 204 -13.11 -2.84 -19.44
N ILE A 205 -12.07 -2.22 -18.84
CA ILE A 205 -12.11 -1.69 -17.49
C ILE A 205 -11.51 -0.30 -17.58
N THR A 206 -12.29 0.72 -17.23
CA THR A 206 -11.84 2.11 -17.23
C THR A 206 -11.81 2.60 -15.80
N TYR A 207 -10.67 3.15 -15.37
CA TYR A 207 -10.46 3.76 -14.07
C TYR A 207 -10.49 5.25 -14.34
N GLN A 208 -11.50 5.94 -13.84
CA GLN A 208 -11.71 7.38 -14.08
C GLN A 208 -11.62 8.15 -12.78
N VAL A 209 -10.73 9.15 -12.72
CA VAL A 209 -10.48 9.96 -11.54
C VAL A 209 -11.61 10.93 -11.29
N VAL A 210 -12.24 10.81 -10.10
CA VAL A 210 -13.25 11.73 -9.61
C VAL A 210 -12.77 12.00 -8.21
N ALA A 211 -11.96 13.04 -8.05
CA ALA A 211 -11.32 13.34 -6.77
C ALA A 211 -12.26 13.61 -5.59
N GLU A 212 -13.49 14.15 -5.82
CA GLU A 212 -14.39 14.48 -4.71
C GLU A 212 -15.33 13.29 -4.41
N PRO A 213 -15.43 12.78 -3.16
CA PRO A 213 -16.33 11.63 -2.92
C PRO A 213 -17.80 11.87 -3.25
N ALA A 214 -18.35 13.05 -2.93
CA ALA A 214 -19.75 13.36 -3.24
C ALA A 214 -20.03 13.25 -4.76
N THR A 215 -19.17 13.85 -5.60
CA THR A 215 -19.30 13.75 -7.08
C THR A 215 -19.20 12.28 -7.55
N ARG A 216 -18.37 11.49 -6.87
CA ARG A 216 -18.15 10.09 -7.18
C ARG A 216 -19.38 9.24 -6.80
N VAL A 217 -20.04 9.55 -5.65
CA VAL A 217 -21.29 8.87 -5.25
C VAL A 217 -22.40 9.22 -6.29
N ALA A 218 -22.44 10.47 -6.74
CA ALA A 218 -23.40 10.96 -7.74
C ALA A 218 -23.26 10.21 -9.07
N GLY A 219 -22.02 9.94 -9.48
CA GLY A 219 -21.74 9.20 -10.71
C GLY A 219 -22.28 7.78 -10.69
N LEU A 220 -22.21 7.13 -9.53
CA LEU A 220 -22.76 5.79 -9.35
C LEU A 220 -24.30 5.80 -9.44
N ILE A 221 -24.94 6.85 -8.91
CA ILE A 221 -26.40 6.98 -8.95
C ILE A 221 -26.82 7.24 -10.41
N SER A 222 -26.18 8.22 -11.07
CA SER A 222 -26.47 8.50 -12.50
C SER A 222 -26.20 7.33 -13.44
N GLY A 223 -25.44 6.33 -12.99
CA GLY A 223 -25.13 5.16 -13.80
C GLY A 223 -23.91 5.33 -14.67
N GLU A 224 -23.08 6.36 -14.42
CA GLU A 224 -21.83 6.59 -15.15
C GLU A 224 -20.69 5.64 -14.63
N TYR A 225 -20.82 5.11 -13.40
CA TYR A 225 -19.84 4.19 -12.82
C TYR A 225 -20.53 2.93 -12.31
N ASP A 226 -19.81 1.80 -12.38
CA ASP A 226 -20.23 0.51 -11.88
C ASP A 226 -19.77 0.30 -10.45
N ILE A 227 -18.53 0.75 -10.15
CA ILE A 227 -17.91 0.65 -8.83
C ILE A 227 -17.25 1.99 -8.55
N ILE A 228 -17.30 2.44 -7.32
CA ILE A 228 -16.59 3.64 -6.88
C ILE A 228 -15.75 3.29 -5.64
N THR A 229 -14.60 3.92 -5.54
CA THR A 229 -13.65 3.65 -4.46
C THR A 229 -13.59 4.77 -3.44
N THR A 230 -12.91 4.52 -2.30
CA THR A 230 -12.46 5.48 -1.30
C THR A 230 -13.61 6.25 -0.64
N LEU A 231 -14.66 5.56 -0.22
CA LEU A 231 -15.77 6.19 0.50
C LEU A 231 -15.58 6.05 2.02
N THR A 232 -16.42 6.69 2.80
CA THR A 232 -16.36 6.66 4.27
C THR A 232 -17.59 5.92 4.83
N PRO A 233 -17.60 5.43 6.10
CA PRO A 233 -18.83 4.80 6.63
C PRO A 233 -20.08 5.68 6.63
N ASP A 234 -19.93 7.01 6.68
CA ASP A 234 -21.08 7.91 6.62
C ASP A 234 -21.76 7.92 5.23
N ASP A 235 -21.01 7.62 4.13
CA ASP A 235 -21.58 7.55 2.77
C ASP A 235 -22.52 6.34 2.55
N MET A 236 -22.43 5.34 3.44
CA MET A 236 -23.17 4.09 3.31
C MET A 236 -24.68 4.26 3.37
N ALA A 237 -25.19 5.13 4.25
CA ALA A 237 -26.63 5.34 4.38
C ALA A 237 -27.29 5.83 3.07
N LEU A 238 -26.73 6.87 2.42
CA LEU A 238 -27.24 7.38 1.14
C LEU A 238 -27.18 6.33 0.04
N VAL A 239 -26.07 5.61 -0.09
CA VAL A 239 -25.91 4.62 -1.16
C VAL A 239 -26.85 3.41 -0.97
N ASP A 240 -26.84 2.79 0.23
CA ASP A 240 -27.66 1.61 0.52
C ASP A 240 -29.18 1.85 0.39
N GLY A 241 -29.62 3.11 0.43
CA GLY A 241 -31.02 3.46 0.22
C GLY A 241 -31.48 3.12 -1.17
N TYR A 242 -30.59 3.19 -2.18
CA TYR A 242 -30.94 2.82 -3.55
C TYR A 242 -30.96 1.30 -3.65
N SER A 243 -32.11 0.72 -4.06
CA SER A 243 -32.26 -0.73 -4.17
CA SER A 243 -32.26 -0.73 -4.17
C SER A 243 -31.30 -1.34 -5.20
N ASP A 244 -30.97 -0.58 -6.25
CA ASP A 244 -30.04 -1.02 -7.30
C ASP A 244 -28.55 -1.00 -6.86
N LEU A 245 -28.21 -0.21 -5.81
CA LEU A 245 -26.83 -0.05 -5.34
C LEU A 245 -26.60 -0.54 -3.92
N GLU A 246 -25.33 -0.85 -3.58
CA GLU A 246 -24.95 -1.26 -2.23
C GLU A 246 -23.48 -0.97 -1.95
N THR A 247 -23.14 -0.83 -0.67
CA THR A 247 -21.77 -0.62 -0.25
C THR A 247 -21.12 -1.94 0.10
N ARG A 248 -19.80 -2.01 -0.12
CA ARG A 248 -19.01 -3.19 0.18
C ARG A 248 -17.73 -2.68 0.83
N GLY A 249 -17.51 -3.08 2.06
CA GLY A 249 -16.36 -2.64 2.82
C GLY A 249 -15.67 -3.75 3.58
N THR A 250 -14.43 -3.47 3.98
CA THR A 250 -13.61 -4.39 4.78
C THR A 250 -12.49 -3.62 5.47
N LEU A 251 -11.99 -4.18 6.56
CA LEU A 251 -10.87 -3.60 7.28
C LEU A 251 -9.63 -4.06 6.50
N ILE A 252 -8.89 -3.11 5.86
CA ILE A 252 -7.75 -3.46 4.99
C ILE A 252 -6.42 -3.38 5.72
N GLU A 253 -5.40 -4.06 5.17
CA GLU A 253 -4.06 -4.13 5.71
C GLU A 253 -3.29 -2.88 5.31
N ASN A 254 -3.77 -1.76 5.79
CA ASN A 254 -3.19 -0.46 5.54
C ASN A 254 -3.39 0.37 6.80
N LEU A 255 -2.50 1.33 7.00
CA LEU A 255 -2.55 2.23 8.13
C LEU A 255 -2.58 3.65 7.64
N HIS A 256 -3.59 4.42 8.07
CA HIS A 256 -3.58 5.85 7.84
C HIS A 256 -2.71 6.44 8.93
N MET A 257 -1.86 7.39 8.55
N MET A 257 -1.91 7.42 8.55
CA MET A 257 -0.94 8.04 9.49
CA MET A 257 -0.95 8.04 9.47
C MET A 257 -0.63 9.50 9.07
C MET A 257 -0.58 9.48 9.03
N PHE A 258 0.20 10.19 9.86
CA PHE A 258 0.75 11.47 9.54
C PHE A 258 2.23 11.42 9.94
N THR A 259 3.06 12.13 9.21
CA THR A 259 4.51 12.08 9.40
C THR A 259 5.10 13.49 9.28
N PHE A 260 6.39 13.60 9.63
CA PHE A 260 7.07 14.88 9.79
C PHE A 260 8.33 14.99 8.94
N ASN A 261 8.65 16.22 8.52
CA ASN A 261 9.89 16.48 7.82
C ASN A 261 10.84 16.77 8.93
N MET A 262 11.55 15.75 9.39
CA MET A 262 12.45 15.87 10.52
C MET A 262 13.77 16.62 10.17
N ASN A 263 13.97 17.04 8.90
CA ASN A 263 15.05 17.95 8.55
C ASN A 263 14.68 19.39 9.02
N GLN A 264 13.37 19.71 9.15
CA GLN A 264 12.90 21.02 9.61
C GLN A 264 13.31 21.18 11.08
N PRO A 265 13.82 22.34 11.54
CA PRO A 265 14.28 22.43 12.93
C PRO A 265 13.26 22.08 14.01
N ILE A 266 12.01 22.47 13.79
CA ILE A 266 10.91 22.18 14.70
C ILE A 266 10.67 20.66 14.92
N PHE A 267 11.02 19.83 13.93
CA PHE A 267 10.85 18.39 14.06
C PHE A 267 12.16 17.59 14.05
N GLN A 268 13.31 18.26 14.28
CA GLN A 268 14.60 17.54 14.38
C GLN A 268 14.67 16.70 15.68
N ASN A 269 13.92 17.09 16.72
CA ASN A 269 13.83 16.41 18.01
C ASN A 269 12.45 15.72 18.15
N LYS A 270 12.36 14.72 19.03
CA LYS A 270 11.14 13.94 19.25
C LYS A 270 10.10 14.63 20.16
N THR A 271 10.50 15.67 20.89
CA THR A 271 9.60 16.30 21.87
C THR A 271 8.27 16.79 21.27
N LEU A 272 8.30 17.62 20.21
CA LEU A 272 7.04 18.12 19.61
C LEU A 272 6.32 17.05 18.74
N ARG A 273 7.06 16.04 18.26
CA ARG A 273 6.44 14.95 17.51
C ARG A 273 5.56 14.14 18.50
N ARG A 274 6.10 13.84 19.68
CA ARG A 274 5.38 13.13 20.75
C ARG A 274 4.22 13.90 21.31
N ALA A 275 4.32 15.25 21.39
CA ALA A 275 3.22 16.09 21.84
C ALA A 275 2.09 16.01 20.82
N LEU A 276 2.44 16.09 19.52
CA LEU A 276 1.44 15.96 18.45
C LEU A 276 0.80 14.56 18.43
N ALA A 277 1.52 13.53 18.89
CA ALA A 277 1.03 12.15 18.95
C ALA A 277 0.13 11.92 20.15
N LEU A 278 0.52 12.39 21.34
CA LEU A 278 -0.26 12.17 22.56
C LEU A 278 -1.50 13.00 22.66
N ALA A 279 -1.56 14.16 21.96
CA ALA A 279 -2.74 15.01 21.96
C ALA A 279 -3.88 14.44 21.11
N VAL A 280 -3.63 13.44 20.23
CA VAL A 280 -4.69 12.89 19.39
C VAL A 280 -5.57 11.92 20.17
N ASN A 281 -6.89 12.16 20.23
CA ASN A 281 -7.83 11.24 20.85
C ASN A 281 -8.38 10.40 19.70
N ARG A 282 -7.63 9.36 19.30
CA ARG A 282 -8.02 8.49 18.17
C ARG A 282 -9.38 7.79 18.39
N PRO A 283 -9.72 7.24 19.60
CA PRO A 283 -11.06 6.65 19.76
C PRO A 283 -12.22 7.62 19.48
N LEU A 284 -12.06 8.92 19.77
CA LEU A 284 -13.10 9.91 19.45
C LEU A 284 -13.23 10.11 17.93
N ILE A 285 -12.09 10.14 17.19
CA ILE A 285 -12.11 10.33 15.73
C ILE A 285 -12.77 9.09 15.08
N VAL A 286 -12.34 7.91 15.53
CA VAL A 286 -12.87 6.64 15.01
C VAL A 286 -14.39 6.54 15.27
N GLU A 287 -14.88 6.97 16.43
CA GLU A 287 -16.31 6.97 16.74
C GLU A 287 -17.07 8.00 15.87
N ALA A 288 -16.61 9.26 15.84
CA ALA A 288 -17.31 10.34 15.13
C ALA A 288 -17.30 10.28 13.60
N LEU A 289 -16.21 9.81 12.97
CA LEU A 289 -16.12 9.80 11.52
C LEU A 289 -16.18 8.42 10.90
N TRP A 290 -15.81 7.36 11.65
CA TRP A 290 -15.79 6.01 11.12
C TRP A 290 -16.86 5.07 11.69
N LYS A 291 -17.77 5.56 12.58
CA LYS A 291 -18.82 4.75 13.23
C LYS A 291 -18.20 3.55 13.96
N ASN A 292 -16.99 3.71 14.54
CA ASN A 292 -16.21 2.65 15.18
C ASN A 292 -15.83 1.48 14.25
N LYS A 293 -15.93 1.65 12.92
CA LYS A 293 -15.58 0.59 11.96
C LYS A 293 -14.07 0.52 11.71
N ALA A 294 -13.36 1.65 11.80
CA ALA A 294 -11.90 1.65 11.65
C ALA A 294 -11.28 1.05 12.92
N SER A 295 -10.03 0.55 12.85
CA SER A 295 -9.40 -0.07 14.02
C SER A 295 -8.09 0.62 14.41
N ILE A 296 -7.92 0.93 15.70
CA ILE A 296 -6.69 1.55 16.20
C ILE A 296 -5.72 0.41 16.55
N PRO A 297 -4.51 0.34 15.93
CA PRO A 297 -3.59 -0.76 16.29
C PRO A 297 -2.73 -0.42 17.50
N ASN A 298 -2.11 -1.45 18.09
CA ASN A 298 -1.21 -1.26 19.23
C ASN A 298 0.18 -1.25 18.61
N GLY A 299 0.57 -0.10 18.07
CA GLY A 299 1.79 0.04 17.29
C GLY A 299 1.60 -0.61 15.94
N PHE A 300 2.68 -0.80 15.17
CA PHE A 300 2.59 -1.54 13.90
C PHE A 300 2.39 -3.02 14.28
N ASN A 301 1.14 -3.47 14.46
CA ASN A 301 0.79 -4.80 14.94
C ASN A 301 -0.49 -5.26 14.29
N PHE A 302 -0.46 -6.32 13.47
CA PHE A 302 -1.65 -6.77 12.74
C PHE A 302 -1.85 -8.30 12.71
N PRO A 303 -3.10 -8.82 12.80
CA PRO A 303 -3.30 -10.29 12.71
C PRO A 303 -2.62 -10.99 11.53
N HIS A 304 -2.56 -10.36 10.34
CA HIS A 304 -1.93 -11.00 9.17
C HIS A 304 -0.40 -11.08 9.27
N TYR A 305 0.23 -10.43 10.27
CA TYR A 305 1.69 -10.55 10.47
C TYR A 305 2.08 -11.99 10.86
N GLY A 306 1.17 -12.72 11.52
CA GLY A 306 1.39 -14.10 11.91
C GLY A 306 1.95 -14.20 13.32
N ALA A 307 3.09 -14.90 13.45
CA ALA A 307 3.76 -15.07 14.74
C ALA A 307 4.25 -13.74 15.34
N THR A 308 4.39 -12.67 14.52
CA THR A 308 4.80 -11.36 15.03
C THR A 308 3.58 -10.45 15.37
N TYR A 309 2.36 -11.01 15.47
CA TYR A 309 1.17 -10.28 15.93
C TYR A 309 0.99 -10.58 17.42
N ASP A 310 0.80 -9.54 18.25
CA ASP A 310 0.62 -9.67 19.69
C ASP A 310 -0.82 -9.21 20.02
N PRO A 311 -1.82 -10.11 20.20
CA PRO A 311 -3.18 -9.63 20.52
C PRO A 311 -3.31 -8.93 21.86
N LYS A 312 -2.50 -9.33 22.85
CA LYS A 312 -2.56 -8.79 24.20
C LYS A 312 -1.80 -7.47 24.40
N ARG A 313 -1.15 -6.91 23.35
CA ARG A 313 -0.40 -5.64 23.50
C ARG A 313 -1.33 -4.47 23.84
N LYS A 314 -0.83 -3.54 24.67
CA LYS A 314 -1.60 -2.37 25.11
C LYS A 314 -1.47 -1.21 24.10
N PRO A 315 -2.54 -0.42 23.82
CA PRO A 315 -2.40 0.68 22.86
C PRO A 315 -1.69 1.90 23.42
N MET A 316 -1.26 2.81 22.54
CA MET A 316 -0.67 4.07 22.98
C MET A 316 -1.83 4.92 23.50
N GLU A 317 -1.71 5.42 24.73
CA GLU A 317 -2.79 6.18 25.35
C GLU A 317 -2.81 7.64 24.91
N PHE A 318 -4.02 8.18 24.73
CA PHE A 318 -4.19 9.61 24.45
C PHE A 318 -3.98 10.28 25.80
N ASN A 319 -3.06 11.26 25.87
CA ASN A 319 -2.74 11.94 27.12
C ASN A 319 -2.51 13.44 26.90
N LEU A 320 -3.58 14.23 27.06
CA LEU A 320 -3.52 15.67 26.88
C LEU A 320 -2.55 16.33 27.86
N LYS A 321 -2.56 15.90 29.14
CA LYS A 321 -1.69 16.47 30.16
C LYS A 321 -0.20 16.37 29.76
N GLU A 322 0.27 15.18 29.37
CA GLU A 322 1.67 15.03 28.95
C GLU A 322 1.98 15.72 27.62
N ALA A 323 1.00 15.84 26.70
CA ALA A 323 1.22 16.55 25.45
C ALA A 323 1.44 18.04 25.75
N LYS A 324 0.62 18.63 26.63
CA LYS A 324 0.79 20.04 27.05
C LYS A 324 2.18 20.25 27.66
N ARG A 325 2.63 19.30 28.50
CA ARG A 325 3.94 19.39 29.15
C ARG A 325 5.09 19.25 28.15
N LEU A 326 4.92 18.42 27.12
CA LEU A 326 5.95 18.27 26.08
C LEU A 326 5.99 19.51 25.18
N VAL A 327 4.85 20.19 24.96
CA VAL A 327 4.80 21.43 24.17
C VAL A 327 5.62 22.50 24.91
N LYS A 328 5.35 22.65 26.22
CA LYS A 328 6.09 23.61 27.05
C LYS A 328 7.59 23.30 27.02
N GLU A 329 7.95 22.01 27.17
CA GLU A 329 9.34 21.51 27.17
C GLU A 329 10.09 21.77 25.86
N SER A 330 9.39 21.78 24.71
CA SER A 330 10.01 21.96 23.40
C SER A 330 10.40 23.41 23.07
N GLY A 331 9.86 24.37 23.81
CA GLY A 331 10.08 25.79 23.53
C GLY A 331 9.25 26.30 22.36
N TYR A 332 8.25 25.52 21.89
CA TYR A 332 7.37 25.88 20.78
C TYR A 332 6.76 27.29 20.98
N ASP A 333 7.13 28.23 20.08
CA ASP A 333 6.73 29.65 20.18
C ASP A 333 5.38 30.03 19.52
N GLY A 334 4.58 29.04 19.11
CA GLY A 334 3.28 29.32 18.51
C GLY A 334 3.29 29.53 17.01
N THR A 335 4.40 29.17 16.33
CA THR A 335 4.48 29.27 14.87
C THR A 335 3.42 28.33 14.24
N PRO A 336 2.55 28.78 13.30
CA PRO A 336 1.55 27.84 12.75
C PRO A 336 2.22 26.76 11.90
N ILE A 337 1.90 25.50 12.17
CA ILE A 337 2.53 24.37 11.49
C ILE A 337 1.56 23.90 10.42
N THR A 338 2.01 23.78 9.15
CA THR A 338 1.12 23.30 8.09
C THR A 338 1.00 21.78 8.15
N TYR A 339 -0.11 21.26 7.62
CA TYR A 339 -0.42 19.84 7.51
C TYR A 339 -0.86 19.67 6.07
N HIS A 340 0.06 19.15 5.24
CA HIS A 340 -0.17 18.96 3.82
C HIS A 340 -1.09 17.78 3.63
N THR A 341 -2.20 18.00 2.94
CA THR A 341 -3.15 16.95 2.59
C THR A 341 -3.65 17.23 1.19
N MET A 342 -3.65 16.19 0.36
CA MET A 342 -4.10 16.29 -1.03
C MET A 342 -5.59 16.00 -1.09
N GLY A 343 -6.39 16.91 -0.53
CA GLY A 343 -7.85 16.78 -0.45
C GLY A 343 -8.19 15.55 0.35
N ASN A 344 -9.15 14.76 -0.15
CA ASN A 344 -9.52 13.49 0.45
C ASN A 344 -9.02 12.31 -0.40
N TYR A 345 -7.74 12.36 -0.82
CA TYR A 345 -7.06 11.20 -1.45
C TYR A 345 -7.15 9.97 -0.49
N TYR A 346 -7.03 10.23 0.82
CA TYR A 346 -7.25 9.24 1.88
C TYR A 346 -8.64 9.51 2.40
N ALA A 347 -9.47 8.47 2.59
CA ALA A 347 -10.81 8.63 3.12
C ALA A 347 -10.79 9.30 4.50
N ASN A 348 -11.65 10.30 4.68
CA ASN A 348 -11.81 11.11 5.89
C ASN A 348 -10.55 11.92 6.23
N ALA A 349 -9.68 12.20 5.25
CA ALA A 349 -8.45 12.94 5.49
C ALA A 349 -8.72 14.34 6.08
N VAL A 350 -9.57 15.14 5.44
CA VAL A 350 -9.82 16.51 5.86
C VAL A 350 -10.68 16.56 7.14
N PRO A 351 -11.82 15.81 7.26
CA PRO A 351 -12.56 15.84 8.53
C PRO A 351 -11.71 15.35 9.73
N ALA A 352 -10.81 14.34 9.52
CA ALA A 352 -9.91 13.87 10.59
C ALA A 352 -8.91 14.95 10.97
N LEU A 353 -8.35 15.65 9.99
CA LEU A 353 -7.44 16.76 10.25
C LEU A 353 -8.14 17.86 11.07
N MET A 354 -9.34 18.25 10.70
CA MET A 354 -10.08 19.28 11.42
C MET A 354 -10.32 18.88 12.91
N MET A 355 -10.63 17.61 13.16
CA MET A 355 -10.80 17.12 14.52
C MET A 355 -9.48 17.15 15.28
N MET A 356 -8.39 16.74 14.62
CA MET A 356 -7.07 16.74 15.24
C MET A 356 -6.59 18.15 15.51
N ILE A 357 -6.92 19.12 14.66
CA ILE A 357 -6.56 20.54 14.87
C ILE A 357 -7.17 21.04 16.21
N GLU A 358 -8.41 20.64 16.52
CA GLU A 358 -9.04 20.98 17.80
C GLU A 358 -8.30 20.32 18.95
N MET A 359 -7.82 19.08 18.78
CA MET A 359 -7.07 18.38 19.82
C MET A 359 -5.69 19.00 20.03
N TRP A 360 -5.02 19.41 18.95
CA TRP A 360 -3.71 20.04 19.03
C TRP A 360 -3.82 21.46 19.62
N LYS A 361 -4.91 22.16 19.35
CA LYS A 361 -5.15 23.49 19.94
C LYS A 361 -5.27 23.36 21.47
N ALA A 362 -6.01 22.34 21.94
CA ALA A 362 -6.14 22.07 23.38
C ALA A 362 -4.76 21.86 24.04
N ALA A 363 -3.80 21.23 23.33
CA ALA A 363 -2.43 21.03 23.80
C ALA A 363 -1.54 22.30 23.71
N GLY A 364 -2.01 23.34 23.04
CA GLY A 364 -1.29 24.59 22.83
C GLY A 364 -0.52 24.66 21.52
N ILE A 365 -0.91 23.87 20.50
CA ILE A 365 -0.21 23.85 19.20
C ILE A 365 -1.15 24.35 18.15
N THR A 366 -0.65 25.25 17.28
CA THR A 366 -1.43 25.80 16.18
C THR A 366 -1.04 25.06 14.90
N VAL A 367 -1.95 24.24 14.38
CA VAL A 367 -1.75 23.50 13.14
C VAL A 367 -2.79 24.01 12.15
N VAL A 368 -2.34 24.34 10.93
CA VAL A 368 -3.21 24.88 9.90
C VAL A 368 -3.25 23.89 8.69
N PRO A 369 -4.42 23.65 8.03
CA PRO A 369 -4.41 22.78 6.85
C PRO A 369 -3.77 23.42 5.65
N LYS A 370 -3.03 22.64 4.84
CA LYS A 370 -2.49 23.07 3.57
C LYS A 370 -3.04 22.06 2.57
N ILE A 371 -4.24 22.33 2.06
CA ILE A 371 -4.89 21.43 1.12
C ILE A 371 -4.33 21.70 -0.25
N PHE A 372 -3.70 20.69 -0.87
CA PHE A 372 -3.10 20.87 -2.18
C PHE A 372 -3.81 20.03 -3.25
N ALA A 373 -3.96 20.63 -4.44
CA ALA A 373 -4.65 20.00 -5.55
C ALA A 373 -3.81 18.85 -6.11
N PRO A 374 -4.43 17.79 -6.68
CA PRO A 374 -3.62 16.75 -7.33
C PRO A 374 -2.80 17.36 -8.50
N GLY A 375 -1.61 16.81 -8.74
CA GLY A 375 -0.73 17.36 -9.76
C GLY A 375 0.28 18.34 -9.19
N THR A 376 -0.06 19.00 -8.06
CA THR A 376 0.88 19.88 -7.36
C THR A 376 1.78 18.96 -6.55
N THR A 377 3.03 18.72 -7.00
CA THR A 377 3.98 17.89 -6.25
C THR A 377 4.64 18.86 -5.27
N PRO A 378 4.30 18.91 -3.96
CA PRO A 378 4.95 19.91 -3.08
C PRO A 378 6.41 19.59 -2.81
N LYS A 379 7.24 20.62 -2.73
CA LYS A 379 8.67 20.46 -2.45
C LYS A 379 8.86 20.02 -1.00
N ASP A 380 9.91 19.19 -0.74
CA ASP A 380 10.22 18.70 0.60
C ASP A 380 10.37 19.84 1.61
N SER A 381 11.05 20.92 1.20
CA SER A 381 11.26 22.12 2.04
C SER A 381 9.96 22.78 2.49
N ASP A 382 8.89 22.71 1.69
CA ASP A 382 7.60 23.30 2.07
C ASP A 382 6.82 22.44 3.09
N ILE A 383 7.18 21.15 3.25
CA ILE A 383 6.47 20.22 4.13
C ILE A 383 6.94 20.29 5.59
N LEU A 384 5.98 20.32 6.52
CA LEU A 384 6.19 20.29 7.98
C LEU A 384 5.54 18.96 8.43
N ILE A 385 4.18 18.87 8.42
CA ILE A 385 3.43 17.64 8.68
C ILE A 385 2.74 17.31 7.37
N ARG A 386 2.62 16.03 7.06
CA ARG A 386 1.90 15.56 5.89
C ARG A 386 1.20 14.26 6.26
N ASN A 387 0.02 14.00 5.69
CA ASN A 387 -0.63 12.72 5.93
C ASN A 387 -0.01 11.70 4.97
N TRP A 388 -0.24 10.42 5.23
CA TRP A 388 0.31 9.33 4.45
C TRP A 388 -0.41 8.03 4.85
N SER A 389 -0.13 6.94 4.17
CA SER A 389 -0.63 5.63 4.52
C SER A 389 0.50 4.63 4.30
N ASN A 390 0.43 3.50 4.97
CA ASN A 390 1.39 2.42 4.74
C ASN A 390 0.64 1.13 4.55
N GLY A 391 0.76 0.54 3.38
CA GLY A 391 0.19 -0.78 3.11
C GLY A 391 1.09 -1.80 3.79
N GLN A 392 0.54 -2.66 4.66
CA GLN A 392 1.28 -3.68 5.40
C GLN A 392 1.36 -4.86 4.43
N TRP A 393 2.28 -4.77 3.48
CA TRP A 393 2.31 -5.52 2.27
C TRP A 393 2.92 -6.91 2.30
N LEU A 394 3.49 -7.34 3.42
CA LEU A 394 3.86 -8.74 3.58
C LEU A 394 3.01 -9.25 4.72
N THR A 395 2.77 -10.57 4.74
CA THR A 395 2.06 -11.20 5.84
C THR A 395 3.15 -11.53 6.85
N ASP A 396 3.80 -10.46 7.34
CA ASP A 396 4.93 -10.49 8.27
C ASP A 396 5.18 -9.10 8.87
N GLY A 397 5.76 -9.06 10.06
CA GLY A 397 6.03 -7.85 10.80
C GLY A 397 7.07 -6.89 10.23
N LEU A 398 7.94 -7.37 9.33
CA LEU A 398 9.01 -6.54 8.78
C LEU A 398 8.45 -5.32 8.04
N THR A 399 7.29 -5.45 7.37
CA THR A 399 6.69 -4.34 6.67
C THR A 399 5.58 -3.73 7.56
N THR A 400 5.47 -2.41 7.73
CA THR A 400 6.30 -1.33 7.18
C THR A 400 7.24 -0.73 8.19
N MET A 401 7.31 -1.23 9.46
CA MET A 401 8.21 -0.65 10.44
CA MET A 401 8.23 -0.72 10.48
C MET A 401 9.67 -0.67 9.95
N VAL A 402 10.13 -1.77 9.34
CA VAL A 402 11.49 -1.84 8.83
C VAL A 402 11.57 -1.26 7.42
N SER A 403 10.68 -1.68 6.52
CA SER A 403 10.72 -1.23 5.13
C SER A 403 10.60 0.27 4.90
N GLU A 404 9.85 0.98 5.74
CA GLU A 404 9.70 2.43 5.60
C GLU A 404 10.58 3.19 6.59
N PHE A 405 10.60 2.76 7.85
CA PHE A 405 11.30 3.45 8.94
C PHE A 405 12.68 2.92 9.30
N GLY A 406 13.17 1.92 8.59
CA GLY A 406 14.46 1.30 8.86
C GLY A 406 15.67 2.07 8.35
N PRO A 407 16.89 1.56 8.66
CA PRO A 407 18.10 2.30 8.26
C PRO A 407 18.29 2.40 6.75
N GLY A 408 18.77 3.55 6.29
CA GLY A 408 19.02 3.79 4.86
C GLY A 408 17.77 3.97 4.01
N ARG A 409 16.58 4.01 4.63
CA ARG A 409 15.32 4.14 3.90
C ARG A 409 14.69 5.52 4.11
N GLY A 410 13.79 5.91 3.19
CA GLY A 410 13.08 7.18 3.12
C GLY A 410 12.88 8.04 4.35
N VAL A 411 12.24 7.50 5.41
CA VAL A 411 11.94 8.29 6.61
C VAL A 411 13.25 8.80 7.28
N GLN A 412 14.28 7.94 7.34
CA GLN A 412 15.57 8.31 7.93
C GLN A 412 16.45 9.13 6.97
N LYS A 413 16.64 8.68 5.72
CA LYS A 413 17.50 9.38 4.76
C LYS A 413 16.86 10.65 4.20
N ARG A 414 15.70 10.54 3.54
CA ARG A 414 15.06 11.68 2.89
C ARG A 414 14.42 12.66 3.89
N TRP A 415 13.63 12.16 4.85
CA TRP A 415 12.93 13.02 5.80
C TRP A 415 13.69 13.25 7.13
N GLY A 416 14.94 12.85 7.20
CA GLY A 416 15.83 13.11 8.33
C GLY A 416 15.54 12.59 9.72
N TRP A 417 14.87 11.44 9.89
CA TRP A 417 14.67 10.89 11.24
C TRP A 417 16.02 10.34 11.70
N LYS A 418 16.55 10.83 12.82
CA LYS A 418 17.81 10.35 13.39
C LYS A 418 17.38 9.32 14.44
N ALA A 419 17.31 8.05 14.04
CA ALA A 419 16.77 6.99 14.89
C ALA A 419 17.77 6.46 15.92
N PRO A 420 17.32 5.87 17.07
CA PRO A 420 18.29 5.28 18.00
C PRO A 420 19.05 4.11 17.40
N ALA A 421 20.18 3.76 18.01
CA ALA A 421 21.03 2.68 17.57
C ALA A 421 20.37 1.30 17.72
N GLU A 422 19.69 1.08 18.85
CA GLU A 422 18.97 -0.18 19.14
C GLU A 422 17.91 -0.46 18.06
N PHE A 423 17.14 0.58 17.64
CA PHE A 423 16.11 0.43 16.59
C PHE A 423 16.73 -0.12 15.30
N ASN A 424 17.75 0.56 14.76
CA ASN A 424 18.40 0.15 13.52
C ASN A 424 19.03 -1.24 13.59
N ASN A 425 19.62 -1.62 14.74
CA ASN A 425 20.23 -2.93 14.88
C ASN A 425 19.14 -4.00 14.91
N LEU A 426 18.03 -3.74 15.63
CA LEU A 426 16.90 -4.67 15.68
C LEU A 426 16.22 -4.83 14.31
N CYS A 427 16.21 -3.76 13.47
CA CYS A 427 15.67 -3.85 12.10
C CYS A 427 16.50 -4.82 11.26
N ASP A 428 17.84 -4.81 11.41
CA ASP A 428 18.69 -5.72 10.63
C ASP A 428 18.52 -7.15 11.13
N GLN A 429 18.46 -7.33 12.47
CA GLN A 429 18.31 -8.65 13.10
C GLN A 429 17.03 -9.35 12.68
N VAL A 430 15.89 -8.65 12.62
CA VAL A 430 14.60 -9.25 12.24
C VAL A 430 14.55 -9.68 10.76
N ALA A 431 15.38 -9.08 9.88
CA ALA A 431 15.43 -9.48 8.47
C ALA A 431 16.06 -10.87 8.31
N GLN A 432 17.09 -11.16 9.14
CA GLN A 432 17.77 -12.45 9.18
C GLN A 432 17.44 -13.02 10.55
N LEU A 433 16.29 -13.70 10.67
CA LEU A 433 15.82 -14.29 11.94
C LEU A 433 14.52 -15.03 11.69
N LYS A 434 14.40 -16.25 12.20
CA LYS A 434 13.20 -17.06 12.02
C LYS A 434 12.15 -16.67 13.06
N ASP A 435 10.88 -16.92 12.73
CA ASP A 435 9.79 -16.67 13.67
C ASP A 435 9.92 -17.52 14.91
N GLY A 436 9.55 -16.93 16.04
CA GLY A 436 9.61 -17.60 17.33
C GLY A 436 9.50 -16.59 18.45
N GLU A 437 10.15 -16.91 19.57
CA GLU A 437 10.12 -16.07 20.77
C GLU A 437 11.05 -14.86 20.66
N GLU A 438 12.28 -15.03 20.15
CA GLU A 438 13.25 -13.95 19.99
C GLU A 438 12.76 -12.92 18.98
N ARG A 439 12.18 -13.38 17.86
CA ARG A 439 11.69 -12.45 16.84
C ARG A 439 10.51 -11.64 17.36
N SER A 440 9.53 -12.30 18.00
CA SER A 440 8.35 -11.63 18.54
C SER A 440 8.69 -10.51 19.54
N ALA A 441 9.62 -10.77 20.50
CA ALA A 441 10.03 -9.77 21.48
C ALA A 441 10.85 -8.65 20.84
N ALA A 442 11.67 -8.96 19.81
CA ALA A 442 12.41 -7.91 19.10
C ALA A 442 11.41 -6.94 18.40
N PHE A 443 10.29 -7.46 17.86
CA PHE A 443 9.29 -6.59 17.24
C PHE A 443 8.54 -5.76 18.29
N ASN A 444 8.23 -6.32 19.49
CA ASN A 444 7.61 -5.51 20.55
C ASN A 444 8.61 -4.47 21.08
N ARG A 445 9.94 -4.70 20.94
CA ARG A 445 10.91 -3.71 21.34
C ARG A 445 10.95 -2.60 20.29
N LEU A 446 10.88 -2.95 18.99
CA LEU A 446 10.84 -1.94 17.91
C LEU A 446 9.60 -1.05 18.07
N ARG A 447 8.46 -1.67 18.41
CA ARG A 447 7.19 -0.98 18.64
C ARG A 447 7.31 0.01 19.80
N ASP A 448 8.02 -0.34 20.89
CA ASP A 448 8.21 0.56 22.05
C ASP A 448 9.08 1.77 21.68
N ILE A 449 10.19 1.55 20.94
CA ILE A 449 11.08 2.64 20.51
C ILE A 449 10.32 3.57 19.57
N PHE A 450 9.63 3.01 18.55
CA PHE A 450 8.83 3.81 17.61
C PHE A 450 7.83 4.75 18.36
N GLU A 451 7.14 4.20 19.36
CA GLU A 451 6.19 4.96 20.18
C GLU A 451 6.88 6.12 20.90
N ASP A 452 8.10 5.89 21.42
CA ASP A 452 8.87 6.92 22.12
C ASP A 452 9.45 7.99 21.17
N GLU A 453 9.84 7.64 19.92
CA GLU A 453 10.43 8.62 19.00
C GLU A 453 9.38 9.35 18.14
N ALA A 454 8.27 8.68 17.84
CA ALA A 454 7.19 9.19 16.99
C ALA A 454 7.70 9.80 15.65
N PRO A 455 8.44 9.03 14.81
CA PRO A 455 8.80 9.56 13.48
C PRO A 455 7.56 9.71 12.55
N ALA A 456 6.48 9.02 12.90
CA ALA A 456 5.13 9.12 12.33
C ALA A 456 4.13 8.78 13.46
N VAL A 457 2.84 9.16 13.29
CA VAL A 457 1.79 8.87 14.25
C VAL A 457 0.77 8.01 13.53
N LEU A 458 0.43 6.86 14.12
CA LEU A 458 -0.50 5.91 13.54
C LEU A 458 -1.92 6.26 13.94
N MET A 459 -2.75 6.60 12.96
CA MET A 459 -4.11 7.02 13.22
C MET A 459 -5.03 5.83 13.41
N TYR A 460 -5.17 5.01 12.38
CA TYR A 460 -6.06 3.85 12.39
C TYR A 460 -5.93 3.06 11.08
N GLN A 461 -6.40 1.82 11.13
CA GLN A 461 -6.49 0.94 10.00
C GLN A 461 -7.85 1.32 9.37
N PRO A 462 -7.91 1.85 8.14
CA PRO A 462 -9.21 2.28 7.61
C PRO A 462 -10.14 1.14 7.23
N TYR A 463 -11.44 1.38 7.42
CA TYR A 463 -12.46 0.48 6.95
C TYR A 463 -12.66 1.01 5.53
N ASP A 464 -12.12 0.30 4.55
CA ASP A 464 -12.12 0.72 3.15
C ASP A 464 -13.51 0.49 2.59
N VAL A 465 -14.18 1.56 2.15
CA VAL A 465 -15.56 1.44 1.66
C VAL A 465 -15.64 1.73 0.17
N TYR A 466 -16.25 0.79 -0.56
CA TYR A 466 -16.54 0.89 -1.98
C TYR A 466 -18.08 0.93 -2.11
N ALA A 467 -18.55 1.35 -3.28
CA ALA A 467 -19.96 1.25 -3.62
C ALA A 467 -20.10 0.69 -5.03
N ALA A 468 -21.17 -0.08 -5.27
CA ALA A 468 -21.34 -0.75 -6.54
C ALA A 468 -22.80 -1.09 -6.85
N ARG A 469 -23.07 -1.32 -8.15
CA ARG A 469 -24.35 -1.83 -8.65
C ARG A 469 -24.44 -3.28 -8.15
N LYS A 470 -25.60 -3.69 -7.60
CA LYS A 470 -25.81 -5.09 -7.17
C LYS A 470 -25.62 -6.09 -8.33
N ASP A 471 -25.84 -5.66 -9.58
CA ASP A 471 -25.67 -6.55 -10.73
C ASP A 471 -24.19 -6.74 -11.15
N VAL A 472 -23.22 -6.24 -10.33
CA VAL A 472 -21.80 -6.45 -10.56
C VAL A 472 -21.33 -7.20 -9.31
N GLN A 473 -21.15 -8.52 -9.45
CA GLN A 473 -20.74 -9.41 -8.35
C GLN A 473 -19.20 -9.33 -8.18
N TRP A 474 -18.76 -8.58 -7.16
CA TRP A 474 -17.34 -8.38 -6.87
C TRP A 474 -17.22 -8.16 -5.37
N SER A 475 -16.30 -8.86 -4.70
CA SER A 475 -16.09 -8.72 -3.27
C SER A 475 -14.75 -8.00 -3.01
N PRO A 476 -14.67 -7.00 -2.09
CA PRO A 476 -13.36 -6.41 -1.81
C PRO A 476 -12.46 -7.41 -1.08
N VAL A 477 -11.15 -7.14 -1.14
CA VAL A 477 -10.12 -7.94 -0.46
C VAL A 477 -9.55 -7.10 0.70
N SER A 478 -8.87 -7.74 1.66
CA SER A 478 -8.33 -7.02 2.81
C SER A 478 -7.02 -6.25 2.49
N PHE A 479 -6.88 -5.69 1.28
CA PHE A 479 -5.71 -4.95 0.84
C PHE A 479 -6.10 -3.81 -0.13
N GLU A 480 -5.20 -2.84 -0.30
CA GLU A 480 -5.39 -1.70 -1.20
C GLU A 480 -5.24 -2.06 -2.68
N THR A 481 -6.07 -2.99 -3.14
CA THR A 481 -6.12 -3.43 -4.54
C THR A 481 -7.57 -3.92 -4.85
N MET A 482 -7.82 -4.30 -6.09
CA MET A 482 -9.07 -4.89 -6.54
C MET A 482 -8.67 -6.16 -7.26
N GLU A 483 -9.22 -7.28 -6.80
CA GLU A 483 -8.94 -8.58 -7.41
C GLU A 483 -10.17 -8.99 -8.20
N PHE A 484 -10.00 -9.27 -9.49
CA PHE A 484 -11.13 -9.73 -10.31
C PHE A 484 -11.01 -11.21 -10.70
N ARG A 485 -9.87 -11.87 -10.47
CA ARG A 485 -9.70 -13.30 -10.74
C ARG A 485 -10.66 -14.08 -9.82
N GLY A 486 -11.60 -14.81 -10.44
CA GLY A 486 -12.66 -15.54 -9.73
C GLY A 486 -13.51 -14.67 -8.84
N ASN A 487 -13.63 -13.37 -9.17
CA ASN A 487 -14.32 -12.39 -8.36
C ASN A 487 -14.90 -11.23 -9.19
N LEU A 488 -15.47 -11.53 -10.37
CA LEU A 488 -16.10 -10.49 -11.19
C LEU A 488 -17.11 -11.13 -12.14
N ASN A 489 -18.41 -11.05 -11.81
CA ASN A 489 -19.47 -11.57 -12.68
C ASN A 489 -20.52 -10.50 -12.85
N PHE A 490 -21.29 -10.59 -13.95
CA PHE A 490 -22.35 -9.65 -14.25
C PHE A 490 -23.66 -10.43 -14.32
N LYS A 491 -24.62 -10.06 -13.49
CA LYS A 491 -25.93 -10.74 -13.45
C LYS A 491 -26.72 -10.42 -14.71
OAN BNX B . -0.94 6.15 -1.72
PAM BNX B . 0.15 6.23 -0.69
OAO BNX B . 1.19 7.29 -1.00
OAP BNX B . -0.35 6.31 0.74
O2 BNX B . 0.87 4.78 -0.83
C2 BNX B . 1.68 4.19 0.21
C3 BNX B . 3.12 4.17 -0.27
O3 BNX B . 3.64 5.51 -0.30
C4 BNX B . 3.97 3.33 0.67
O4 BNX B . 5.32 3.27 0.22
C5 BNX B . 3.37 1.93 0.76
C6 BNX B . 4.13 1.01 1.69
O6 BNX B . 4.32 1.64 2.95
O5 BNX B . 2.03 2.00 1.28
C1 BNX B . 1.14 2.80 0.51
O1 BNX B . -0.18 2.60 0.90
C1 ALX C . 1.14 2.80 0.51
O1 ALX C . 0.70 2.15 -0.62
O2 ALX C . 0.87 4.78 -0.83
C2 ALX C . 1.68 4.19 0.21
C3 ALX C . 3.12 4.17 -0.27
C5 ALX C . 3.37 1.93 0.76
C6 ALX C . 4.13 1.01 1.69
OAN ALX C . -0.94 6.15 -1.72
PAM ALX C . 0.15 6.23 -0.69
OAO ALX C . 1.19 7.29 -1.00
OAP ALX C . -0.35 6.31 0.74
O3 ALX C . 3.64 5.51 -0.30
C4 ALX C . 3.97 3.33 0.67
O4 ALX C . 5.32 3.27 0.22
O6 ALX C . 4.32 1.64 2.95
O5 ALX C . 2.03 2.00 1.28
#